data_5GML
#
_entry.id   5GML
#
_cell.length_a   132.312
_cell.length_b   132.312
_cell.length_c   221.055
_cell.angle_alpha   90.000
_cell.angle_beta   90.000
_cell.angle_gamma   90.000
#
_symmetry.space_group_name_H-M   'I 41 2 2'
#
loop_
_entity.id
_entity.type
_entity.pdbx_description
1 polymer 'Golgi reassembly-stacking protein 2'
2 water water
#
_entity_poly.entity_id   1
_entity_poly.type   'polypeptide(L)'
_entity_poly.pdbx_seq_one_letter_code
;MSYYHHHHHHLESTSLYKKAGFLVPRGSGSSQSVEIPGGGTEGYHVLRVQENSPGHRAGLEPFFDFIVSINGSRLNKDND
TLKDLLKANVEKPVKMLIYSSKTLELREASVTPSNLWGGQGLLGVSIRFCSFDGANENVWHVLEVESNSPAALAGLRPHS
DYIIGADTVMNESEDLFSLIETHEAKPLKLYVYNTDTDNCREVIITPNSAWGGEGSLGCGIGYGYLHRIPTRPFE
;
_entity_poly.pdbx_strand_id   A,B
#
# COMPACT_ATOMS: atom_id res chain seq x y z
N SER A 13 -22.44 30.32 -20.18
CA SER A 13 -22.45 31.63 -19.55
C SER A 13 -21.03 32.13 -19.32
N THR A 14 -20.78 32.64 -18.12
CA THR A 14 -19.48 33.20 -17.81
C THR A 14 -18.54 32.25 -17.06
N SER A 15 -19.04 31.10 -16.61
CA SER A 15 -18.18 30.17 -15.87
C SER A 15 -17.07 29.59 -16.75
N LEU A 16 -15.86 29.61 -16.22
CA LEU A 16 -14.74 29.09 -16.99
C LEU A 16 -14.49 27.65 -16.66
N TYR A 17 -15.43 27.02 -15.95
CA TYR A 17 -15.29 25.61 -15.61
C TYR A 17 -16.50 24.84 -16.10
N LYS A 18 -16.30 23.55 -16.34
CA LYS A 18 -17.36 22.65 -16.74
C LYS A 18 -17.21 21.34 -15.96
N LYS A 19 -18.02 20.36 -16.31
CA LYS A 19 -18.03 19.09 -15.61
C LYS A 19 -17.44 17.99 -16.45
N ALA A 20 -16.70 17.09 -15.82
CA ALA A 20 -16.11 15.94 -16.48
C ALA A 20 -16.19 14.73 -15.55
N GLY A 21 -16.21 13.55 -16.13
CA GLY A 21 -16.32 12.31 -15.38
C GLY A 21 -14.98 11.74 -15.02
N PHE A 22 -14.83 11.30 -13.78
CA PHE A 22 -13.58 10.67 -13.35
C PHE A 22 -13.87 9.42 -12.57
N LEU A 23 -12.92 8.47 -12.58
CA LEU A 23 -13.07 7.27 -11.75
C LEU A 23 -12.78 7.63 -10.31
N VAL A 24 -13.63 7.16 -9.41
CA VAL A 24 -13.38 7.30 -7.98
C VAL A 24 -13.67 5.95 -7.33
N PRO A 25 -13.12 5.69 -6.14
CA PRO A 25 -13.41 4.42 -5.46
C PRO A 25 -14.89 4.20 -5.11
N ARG A 26 -15.34 2.95 -5.04
CA ARG A 26 -16.75 2.65 -4.72
C ARG A 26 -17.16 3.19 -3.36
N GLY A 27 -16.26 3.07 -2.40
CA GLY A 27 -16.49 3.50 -1.03
C GLY A 27 -16.28 4.99 -0.93
N SER A 28 -17.19 5.76 -1.52
CA SER A 28 -17.08 7.22 -1.57
C SER A 28 -18.32 7.95 -1.04
N GLY A 29 -18.27 9.27 -1.18
CA GLY A 29 -19.32 10.18 -0.72
C GLY A 29 -20.79 9.85 -0.86
N SER A 30 -21.11 8.73 -1.49
CA SER A 30 -22.50 8.39 -1.68
C SER A 30 -22.84 7.60 -0.45
N SER A 31 -23.86 8.04 0.27
CA SER A 31 -24.14 7.47 1.58
C SER A 31 -24.95 6.19 1.44
N GLN A 32 -24.26 5.14 1.02
CA GLN A 32 -24.76 3.77 1.02
C GLN A 32 -23.60 2.79 1.31
N SER A 33 -23.84 1.75 2.10
CA SER A 33 -25.17 1.47 2.65
C SER A 33 -25.14 0.86 4.04
N VAL A 34 -26.29 0.27 4.38
CA VAL A 34 -26.51 -0.43 5.63
C VAL A 34 -26.85 -1.88 5.22
N GLU A 35 -28.12 -2.26 5.18
CA GLU A 35 -28.54 -3.58 4.68
C GLU A 35 -27.86 -4.68 5.50
N ILE A 36 -27.61 -4.33 6.76
CA ILE A 36 -26.93 -5.18 7.71
C ILE A 36 -27.90 -6.07 8.45
N PRO A 37 -27.73 -7.40 8.34
CA PRO A 37 -28.48 -8.29 9.21
C PRO A 37 -28.33 -7.86 10.67
N GLY A 38 -29.44 -7.79 11.39
CA GLY A 38 -29.43 -7.31 12.76
C GLY A 38 -29.72 -5.82 12.85
N GLY A 39 -29.49 -5.11 11.75
CA GLY A 39 -29.83 -3.70 11.67
C GLY A 39 -28.85 -2.81 12.41
N GLY A 40 -28.33 -1.80 11.72
CA GLY A 40 -27.41 -0.86 12.33
C GLY A 40 -26.38 -0.27 11.40
N THR A 41 -25.46 0.50 11.97
CA THR A 41 -24.39 1.13 11.19
C THR A 41 -23.10 1.08 12.00
N GLU A 42 -23.21 0.64 13.24
CA GLU A 42 -22.05 0.54 14.09
C GLU A 42 -21.56 -0.91 14.20
N GLY A 43 -20.28 -1.08 14.54
CA GLY A 43 -19.64 -2.38 14.56
C GLY A 43 -18.23 -2.23 15.08
N TYR A 44 -17.38 -3.23 14.86
CA TYR A 44 -16.01 -3.13 15.36
C TYR A 44 -15.00 -2.88 14.26
N HIS A 45 -14.45 -1.67 14.28
CA HIS A 45 -13.47 -1.22 13.31
C HIS A 45 -12.17 -1.96 13.52
N VAL A 46 -11.78 -2.78 12.54
CA VAL A 46 -10.53 -3.50 12.62
C VAL A 46 -9.35 -2.60 12.29
N LEU A 47 -8.53 -2.32 13.30
CA LEU A 47 -7.31 -1.53 13.10
C LEU A 47 -6.11 -2.45 12.90
N ARG A 48 -5.24 -2.55 13.90
CA ARG A 48 -4.04 -3.38 13.74
C ARG A 48 -4.34 -4.89 13.71
N VAL A 49 -3.72 -5.59 12.77
CA VAL A 49 -3.80 -7.05 12.72
C VAL A 49 -2.38 -7.59 12.82
N GLN A 50 -2.09 -8.34 13.87
CA GLN A 50 -0.73 -8.76 14.11
C GLN A 50 -0.32 -9.89 13.19
N GLU A 51 0.98 -9.98 12.95
CA GLU A 51 1.57 -11.03 12.14
C GLU A 51 1.37 -12.36 12.85
N ASN A 52 1.08 -13.41 12.09
CA ASN A 52 0.94 -14.77 12.64
C ASN A 52 -0.19 -14.85 13.66
N SER A 53 -1.29 -14.16 13.38
CA SER A 53 -2.40 -14.11 14.33
C SER A 53 -3.59 -14.86 13.78
N PRO A 54 -4.47 -15.32 14.67
CA PRO A 54 -5.73 -15.90 14.21
C PRO A 54 -6.44 -14.94 13.29
N GLY A 55 -6.47 -13.66 13.66
CA GLY A 55 -7.05 -12.62 12.83
C GLY A 55 -6.45 -12.51 11.43
N HIS A 56 -5.12 -12.64 11.36
CA HIS A 56 -4.46 -12.59 10.07
C HIS A 56 -4.86 -13.80 9.23
N ARG A 57 -4.86 -14.96 9.85
CA ARG A 57 -5.23 -16.20 9.21
C ARG A 57 -6.65 -16.14 8.66
N ALA A 58 -7.50 -15.35 9.30
CA ALA A 58 -8.89 -15.23 8.89
C ALA A 58 -9.09 -14.20 7.77
N GLY A 59 -8.03 -13.45 7.47
CA GLY A 59 -8.06 -12.47 6.38
C GLY A 59 -8.74 -11.15 6.74
N LEU A 60 -8.65 -10.75 8.01
CA LEU A 60 -9.20 -9.46 8.43
C LEU A 60 -8.33 -8.32 7.91
N GLU A 61 -8.93 -7.39 7.17
CA GLU A 61 -8.21 -6.26 6.59
C GLU A 61 -8.23 -5.07 7.54
N PRO A 62 -7.06 -4.62 7.98
CA PRO A 62 -6.95 -3.40 8.79
C PRO A 62 -7.61 -2.21 8.09
N PHE A 63 -8.22 -1.31 8.87
CA PHE A 63 -8.97 -0.14 8.41
C PHE A 63 -10.24 -0.39 7.61
N PHE A 64 -10.24 -1.34 6.69
CA PHE A 64 -11.39 -1.52 5.82
C PHE A 64 -12.47 -2.43 6.41
N ASP A 65 -12.09 -3.32 7.32
CA ASP A 65 -13.05 -4.29 7.86
C ASP A 65 -13.73 -3.83 9.14
N PHE A 66 -15.01 -4.17 9.24
CA PHE A 66 -15.79 -3.95 10.44
C PHE A 66 -16.41 -5.26 10.85
N ILE A 67 -16.15 -5.68 12.09
CA ILE A 67 -16.81 -6.85 12.64
C ILE A 67 -18.20 -6.46 13.09
N VAL A 68 -19.19 -7.14 12.52
CA VAL A 68 -20.58 -6.79 12.72
C VAL A 68 -21.29 -7.87 13.53
N SER A 69 -20.83 -9.11 13.39
CA SER A 69 -21.47 -10.24 14.08
C SER A 69 -20.51 -11.37 14.38
N ILE A 70 -20.76 -12.05 15.49
CA ILE A 70 -20.08 -13.28 15.80
C ILE A 70 -21.15 -14.34 16.15
N ASN A 71 -21.09 -15.47 15.45
CA ASN A 71 -22.05 -16.55 15.63
C ASN A 71 -23.50 -16.11 15.62
N GLY A 72 -23.81 -15.15 14.76
CA GLY A 72 -25.20 -14.72 14.60
C GLY A 72 -25.60 -13.61 15.54
N SER A 73 -24.71 -13.25 16.46
CA SER A 73 -24.99 -12.20 17.44
C SER A 73 -24.53 -10.82 16.97
N ARG A 74 -25.47 -9.91 16.80
CA ARG A 74 -25.15 -8.56 16.33
C ARG A 74 -24.41 -7.72 17.38
N LEU A 75 -23.41 -6.96 16.94
CA LEU A 75 -22.61 -6.17 17.86
C LEU A 75 -22.96 -4.67 17.79
N ASN A 76 -24.16 -4.34 18.29
CA ASN A 76 -24.71 -3.00 18.52
C ASN A 76 -24.18 -2.53 19.86
N LYS A 77 -22.87 -2.55 19.99
CA LYS A 77 -22.27 -3.02 21.22
C LYS A 77 -21.45 -2.00 21.99
N ASP A 78 -20.16 -2.28 22.00
CA ASP A 78 -19.14 -1.68 22.84
C ASP A 78 -19.45 -2.10 24.27
N ASN A 79 -19.53 -3.41 24.47
CA ASN A 79 -19.57 -4.01 25.81
C ASN A 79 -18.59 -5.19 25.80
N ASP A 80 -18.80 -6.22 26.60
CA ASP A 80 -17.83 -7.32 26.67
C ASP A 80 -18.30 -8.56 25.90
N THR A 81 -19.38 -8.42 25.13
CA THR A 81 -19.97 -9.55 24.40
C THR A 81 -18.97 -10.21 23.48
N LEU A 82 -18.28 -9.41 22.69
CA LEU A 82 -17.31 -9.92 21.73
C LEU A 82 -16.17 -10.65 22.41
N LYS A 83 -15.65 -10.07 23.49
CA LYS A 83 -14.53 -10.71 24.16
C LYS A 83 -15.04 -11.97 24.88
N ASP A 84 -16.32 -11.99 25.22
CA ASP A 84 -16.88 -13.15 25.91
C ASP A 84 -17.22 -14.33 24.98
N LEU A 85 -17.76 -14.06 23.79
CA LEU A 85 -18.01 -15.12 22.81
C LEU A 85 -16.70 -15.74 22.34
N LEU A 86 -15.66 -14.91 22.25
CA LEU A 86 -14.34 -15.40 21.85
C LEU A 86 -13.81 -16.27 22.98
N LYS A 87 -14.01 -15.83 24.24
CA LYS A 87 -13.58 -16.65 25.37
C LYS A 87 -14.34 -17.96 25.50
N ALA A 88 -15.59 -17.99 25.06
CA ALA A 88 -16.37 -19.22 25.23
C ALA A 88 -16.04 -20.22 24.13
N ASN A 89 -15.48 -19.75 23.03
CA ASN A 89 -15.12 -20.68 21.96
C ASN A 89 -13.60 -20.69 21.78
N VAL A 90 -12.91 -20.66 22.92
CA VAL A 90 -11.50 -20.30 23.04
C VAL A 90 -10.49 -21.03 22.15
N GLU A 91 -10.85 -22.18 21.58
CA GLU A 91 -9.93 -22.80 20.62
C GLU A 91 -10.75 -23.44 19.50
N LYS A 92 -11.99 -22.99 19.37
CA LYS A 92 -12.90 -23.51 18.39
C LYS A 92 -13.18 -22.46 17.32
N PRO A 93 -13.47 -22.90 16.09
CA PRO A 93 -13.83 -21.98 15.01
C PRO A 93 -15.16 -21.24 15.25
N VAL A 94 -15.15 -19.92 15.05
CA VAL A 94 -16.35 -19.09 15.19
C VAL A 94 -16.65 -18.38 13.88
N LYS A 95 -17.93 -18.11 13.64
CA LYS A 95 -18.32 -17.39 12.44
C LYS A 95 -18.45 -15.90 12.71
N MET A 96 -17.86 -15.10 11.85
CA MET A 96 -17.95 -13.65 11.94
C MET A 96 -18.55 -13.09 10.68
N LEU A 97 -19.45 -12.14 10.84
CA LEU A 97 -19.94 -11.39 9.70
C LEU A 97 -19.08 -10.13 9.59
N ILE A 98 -18.45 -9.93 8.44
CA ILE A 98 -17.53 -8.81 8.26
C ILE A 98 -18.08 -7.84 7.22
N TYR A 99 -18.08 -6.55 7.54
CA TYR A 99 -18.42 -5.53 6.54
C TYR A 99 -17.17 -4.80 6.04
N SER A 100 -17.07 -4.64 4.72
CA SER A 100 -15.95 -3.95 4.10
C SER A 100 -16.32 -2.57 3.56
N SER A 101 -15.62 -1.54 4.02
CA SER A 101 -15.86 -0.19 3.51
C SER A 101 -15.26 -0.05 2.11
N LYS A 102 -14.48 -1.06 1.72
CA LYS A 102 -13.90 -1.11 0.39
C LYS A 102 -14.87 -1.73 -0.62
N THR A 103 -15.43 -2.87 -0.27
CA THR A 103 -16.33 -3.56 -1.20
C THR A 103 -17.78 -3.22 -0.97
N LEU A 104 -18.07 -2.60 0.17
CA LEU A 104 -19.45 -2.27 0.55
C LEU A 104 -20.28 -3.54 0.70
N GLU A 105 -19.60 -4.65 0.98
CA GLU A 105 -20.26 -5.95 1.07
C GLU A 105 -20.00 -6.68 2.37
N LEU A 106 -20.83 -7.68 2.64
CA LEU A 106 -20.72 -8.48 3.85
C LEU A 106 -20.15 -9.80 3.47
N ARG A 107 -19.29 -10.34 4.34
CA ARG A 107 -18.77 -11.68 4.12
C ARG A 107 -18.65 -12.44 5.43
N GLU A 108 -18.75 -13.77 5.33
CA GLU A 108 -18.56 -14.66 6.45
C GLU A 108 -17.11 -15.04 6.52
N ALA A 109 -16.49 -14.86 7.68
CA ALA A 109 -15.12 -15.30 7.88
C ALA A 109 -15.04 -16.27 9.06
N SER A 110 -14.29 -17.35 8.89
CA SER A 110 -14.04 -18.25 10.00
C SER A 110 -12.79 -17.81 10.75
N VAL A 111 -12.85 -17.81 12.08
CA VAL A 111 -11.67 -17.46 12.85
C VAL A 111 -11.65 -18.31 14.10
N THR A 112 -10.44 -18.73 14.49
CA THR A 112 -10.31 -19.57 15.66
C THR A 112 -9.46 -18.83 16.71
N PRO A 113 -10.13 -18.23 17.70
CA PRO A 113 -9.45 -17.57 18.82
C PRO A 113 -8.59 -18.57 19.56
N SER A 114 -7.50 -18.15 20.18
CA SER A 114 -6.59 -19.08 20.85
C SER A 114 -5.80 -18.44 21.98
N ASN A 115 -5.39 -19.27 22.93
CA ASN A 115 -4.51 -18.83 24.00
C ASN A 115 -3.06 -19.10 23.63
N LEU A 116 -2.88 -19.78 22.49
CA LEU A 116 -1.61 -20.41 22.16
C LEU A 116 -0.79 -19.68 21.13
N TRP A 117 -1.31 -18.61 20.56
CA TRP A 117 -0.55 -18.02 19.45
C TRP A 117 0.51 -17.01 19.92
N GLY A 118 0.60 -16.79 21.23
CA GLY A 118 1.76 -16.08 21.77
C GLY A 118 1.70 -14.57 21.74
N GLY A 119 0.71 -14.03 21.05
CA GLY A 119 0.55 -12.58 21.02
C GLY A 119 -0.50 -12.08 21.99
N GLN A 120 -0.90 -10.82 21.83
CA GLN A 120 -1.83 -10.21 22.76
C GLN A 120 -3.25 -10.35 22.27
N GLY A 121 -4.11 -10.82 23.15
CA GLY A 121 -5.50 -11.05 22.83
C GLY A 121 -5.72 -12.45 22.28
N LEU A 122 -6.96 -12.74 21.91
CA LEU A 122 -7.33 -14.07 21.46
C LEU A 122 -7.36 -14.07 19.93
N LEU A 123 -7.43 -12.87 19.35
CA LEU A 123 -7.42 -12.72 17.90
C LEU A 123 -6.11 -12.11 17.37
N GLY A 124 -5.42 -11.34 18.22
CA GLY A 124 -4.27 -10.58 17.78
C GLY A 124 -4.68 -9.41 16.90
N VAL A 125 -5.87 -8.90 17.18
CA VAL A 125 -6.48 -7.86 16.39
C VAL A 125 -6.89 -6.69 17.30
N SER A 126 -6.33 -5.53 17.03
CA SER A 126 -6.71 -4.30 17.73
C SER A 126 -7.99 -3.76 17.07
N ILE A 127 -9.01 -3.50 17.86
CA ILE A 127 -10.32 -3.08 17.33
C ILE A 127 -10.87 -1.85 18.03
N ARG A 128 -11.83 -1.18 17.40
CA ARG A 128 -12.50 -0.07 18.04
C ARG A 128 -13.94 0.00 17.56
N PHE A 129 -14.85 0.31 18.47
CA PHE A 129 -16.27 0.38 18.14
C PHE A 129 -16.65 1.74 17.57
N CYS A 130 -17.26 1.75 16.39
CA CYS A 130 -17.71 2.97 15.74
C CYS A 130 -18.60 2.64 14.54
N SER A 131 -19.01 3.68 13.82
CA SER A 131 -19.89 3.49 12.67
C SER A 131 -19.06 3.39 11.40
N PHE A 132 -19.56 2.66 10.41
CA PHE A 132 -18.77 2.45 9.21
C PHE A 132 -19.17 3.32 8.00
N ASP A 133 -20.00 4.33 8.20
CA ASP A 133 -20.38 5.15 7.07
C ASP A 133 -19.48 6.38 6.96
N GLY A 134 -19.13 6.71 5.73
CA GLY A 134 -18.11 7.69 5.42
C GLY A 134 -16.82 7.53 6.19
N ALA A 135 -16.41 6.28 6.43
CA ALA A 135 -15.20 6.05 7.20
C ALA A 135 -13.99 6.04 6.26
N ASN A 136 -14.25 5.90 4.97
CA ASN A 136 -13.19 6.02 3.97
C ASN A 136 -12.87 7.48 3.72
N GLU A 137 -13.77 8.37 4.12
CA GLU A 137 -13.55 9.81 3.98
C GLU A 137 -12.68 10.38 5.09
N ASN A 138 -12.89 9.86 6.31
CA ASN A 138 -12.25 10.38 7.52
C ASN A 138 -10.79 10.00 7.59
N VAL A 139 -10.00 10.47 6.64
CA VAL A 139 -8.62 10.11 6.52
C VAL A 139 -7.80 11.36 6.22
N TRP A 140 -6.71 11.59 6.94
CA TRP A 140 -5.82 12.70 6.62
C TRP A 140 -4.47 12.20 6.18
N HIS A 141 -4.11 12.51 4.94
CA HIS A 141 -2.89 12.01 4.35
C HIS A 141 -1.67 12.85 4.79
N VAL A 142 -0.67 12.20 5.38
CA VAL A 142 0.55 12.91 5.73
C VAL A 142 1.37 13.20 4.48
N LEU A 143 1.65 14.47 4.22
CA LEU A 143 2.41 14.85 3.01
C LEU A 143 3.88 14.97 3.37
N GLU A 144 4.49 16.12 3.16
CA GLU A 144 5.90 16.31 3.51
C GLU A 144 6.05 16.35 5.05
N VAL A 145 7.21 15.97 5.55
CA VAL A 145 7.49 16.01 6.99
C VAL A 145 8.84 16.71 7.24
N GLU A 146 8.82 17.81 7.99
CA GLU A 146 10.09 18.49 8.26
C GLU A 146 10.96 17.73 9.26
N SER A 147 12.26 17.91 9.13
CA SER A 147 13.21 17.36 10.09
C SER A 147 13.02 17.96 11.47
N ASN A 148 13.15 17.12 12.49
CA ASN A 148 13.08 17.55 13.88
C ASN A 148 11.72 18.17 14.23
N SER A 149 10.74 17.95 13.36
CA SER A 149 9.37 18.37 13.60
C SER A 149 8.70 17.43 14.60
N PRO A 150 7.64 17.90 15.25
CA PRO A 150 6.81 17.02 16.07
C PRO A 150 6.39 15.76 15.31
N ALA A 151 5.94 15.91 14.07
CA ALA A 151 5.56 14.73 13.27
C ALA A 151 6.73 13.77 13.12
N ALA A 152 7.91 14.30 12.85
CA ALA A 152 9.06 13.42 12.65
C ALA A 152 9.36 12.64 13.91
N LEU A 153 9.43 13.33 15.04
CA LEU A 153 9.81 12.71 16.31
C LEU A 153 8.83 11.64 16.78
N ALA A 154 7.54 11.84 16.50
CA ALA A 154 6.51 10.90 16.90
C ALA A 154 6.54 9.65 16.02
N GLY A 155 7.16 9.78 14.87
CA GLY A 155 7.28 8.67 13.94
C GLY A 155 6.44 8.77 12.67
N LEU A 156 5.68 9.86 12.49
CA LEU A 156 4.96 10.07 11.24
C LEU A 156 5.92 10.15 10.05
N ARG A 157 5.50 9.60 8.92
CA ARG A 157 6.37 9.53 7.77
C ARG A 157 5.68 10.07 6.53
N PRO A 158 6.44 10.76 5.65
CA PRO A 158 5.85 11.40 4.48
C PRO A 158 5.21 10.43 3.50
N HIS A 159 3.96 10.73 3.15
CA HIS A 159 3.25 10.09 2.05
C HIS A 159 2.82 8.65 2.27
N SER A 160 3.54 7.90 3.09
CA SER A 160 3.16 6.52 3.38
C SER A 160 2.14 6.44 4.53
N ASP A 161 2.05 7.50 5.35
CA ASP A 161 1.16 7.50 6.50
C ASP A 161 -0.14 8.26 6.29
N TYR A 162 -1.21 7.67 6.81
CA TYR A 162 -2.51 8.30 6.81
C TYR A 162 -3.06 8.24 8.22
N ILE A 163 -3.41 9.41 8.74
CA ILE A 163 -4.02 9.51 10.05
C ILE A 163 -5.49 9.15 9.91
N ILE A 164 -5.94 8.11 10.60
CA ILE A 164 -7.31 7.62 10.44
C ILE A 164 -8.12 7.80 11.69
N GLY A 165 -7.51 8.38 12.71
CA GLY A 165 -8.24 8.69 13.93
C GLY A 165 -7.44 9.06 15.15
N ALA A 166 -8.17 9.40 16.22
CA ALA A 166 -7.60 9.81 17.49
C ALA A 166 -8.44 9.30 18.67
N ASP A 167 -7.85 9.35 19.87
CA ASP A 167 -8.59 9.11 21.11
C ASP A 167 -9.64 10.19 21.35
N THR A 168 -10.93 9.83 21.29
CA THR A 168 -11.99 10.84 21.30
C THR A 168 -12.67 11.07 22.65
N VAL A 169 -12.01 11.90 23.47
CA VAL A 169 -12.57 12.54 24.67
C VAL A 169 -11.75 13.82 24.91
N MET A 170 -12.36 14.97 25.23
CA MET A 170 -13.79 15.31 25.12
C MET A 170 -14.40 14.81 23.81
N ASN A 171 -15.71 14.53 23.78
CA ASN A 171 -16.27 14.25 22.47
C ASN A 171 -16.48 15.53 21.71
N GLU A 172 -16.23 15.40 20.41
CA GLU A 172 -15.80 16.48 19.60
C GLU A 172 -16.41 16.21 18.25
N SER A 173 -15.51 15.84 17.37
CA SER A 173 -15.79 15.18 16.13
C SER A 173 -14.59 14.25 16.03
N GLU A 174 -14.07 14.07 14.83
CA GLU A 174 -12.98 13.14 14.61
C GLU A 174 -11.83 13.92 14.02
N ASP A 175 -12.12 15.18 13.69
CA ASP A 175 -11.18 16.01 12.94
C ASP A 175 -9.84 16.26 13.60
N LEU A 176 -8.85 16.39 12.74
CA LEU A 176 -7.46 16.30 13.13
C LEU A 176 -6.99 17.67 13.61
N PHE A 177 -7.20 18.70 12.79
CA PHE A 177 -6.76 20.04 13.16
C PHE A 177 -7.36 20.56 14.46
N SER A 178 -8.64 20.26 14.66
CA SER A 178 -9.34 20.64 15.89
C SER A 178 -9.05 19.62 16.98
N LEU A 179 -7.82 19.14 17.02
CA LEU A 179 -7.37 18.24 18.05
C LEU A 179 -6.00 18.75 18.44
N ILE A 180 -5.33 19.37 17.48
CA ILE A 180 -3.95 19.80 17.64
C ILE A 180 -3.89 21.12 18.42
N GLU A 181 -5.02 21.81 18.50
CA GLU A 181 -5.05 23.06 19.25
C GLU A 181 -5.28 22.76 20.73
N THR A 182 -6.08 21.73 21.01
CA THR A 182 -6.44 21.41 22.38
C THR A 182 -5.34 20.59 23.05
N HIS A 183 -4.43 20.05 22.24
CA HIS A 183 -3.27 19.36 22.79
C HIS A 183 -2.04 20.20 22.51
N GLU A 184 -2.19 21.50 22.72
CA GLU A 184 -1.17 22.45 22.36
C GLU A 184 0.11 22.22 23.16
N ALA A 185 0.01 21.52 24.29
CA ALA A 185 1.21 21.30 25.09
C ALA A 185 1.42 19.85 25.52
N LYS A 186 0.34 19.10 25.73
CA LYS A 186 0.50 17.71 26.15
C LYS A 186 0.17 16.78 24.97
N PRO A 187 0.78 15.59 24.93
CA PRO A 187 0.69 14.64 23.82
C PRO A 187 -0.70 14.18 23.40
N LEU A 188 -0.79 13.83 22.12
CA LEU A 188 -2.01 13.33 21.48
C LEU A 188 -1.75 11.96 20.89
N LYS A 189 -2.72 11.06 21.02
CA LYS A 189 -2.54 9.72 20.47
C LYS A 189 -3.23 9.68 19.11
N LEU A 190 -2.54 9.14 18.12
CA LEU A 190 -3.08 9.09 16.77
C LEU A 190 -3.05 7.67 16.25
N TYR A 191 -4.08 7.32 15.50
CA TYR A 191 -4.13 6.05 14.80
C TYR A 191 -3.66 6.28 13.39
N VAL A 192 -2.57 5.64 13.01
CA VAL A 192 -1.93 5.93 11.76
C VAL A 192 -1.83 4.69 10.89
N TYR A 193 -2.44 4.73 9.71
CA TYR A 193 -2.34 3.65 8.74
C TYR A 193 -1.15 3.89 7.80
N ASN A 194 -0.41 2.82 7.49
CA ASN A 194 0.73 2.90 6.57
C ASN A 194 0.47 2.00 5.36
N THR A 195 0.66 2.52 4.15
CA THR A 195 0.26 1.76 2.96
C THR A 195 1.31 0.75 2.52
N ASP A 196 2.41 0.67 3.25
CA ASP A 196 3.39 -0.39 3.03
C ASP A 196 3.09 -1.59 3.92
N THR A 197 2.95 -1.36 5.22
CA THR A 197 2.60 -2.43 6.15
C THR A 197 1.14 -2.88 6.02
N ASP A 198 0.33 -2.05 5.35
CA ASP A 198 -1.12 -2.27 5.28
C ASP A 198 -1.71 -2.51 6.67
N ASN A 199 -1.32 -1.66 7.61
CA ASN A 199 -1.64 -1.89 9.01
C ASN A 199 -1.65 -0.57 9.77
N CYS A 200 -2.39 -0.53 10.88
CA CYS A 200 -2.46 0.66 11.72
C CYS A 200 -1.47 0.56 12.88
N ARG A 201 -1.17 1.71 13.46
CA ARG A 201 -0.28 1.77 14.61
C ARG A 201 -0.63 3.02 15.41
N GLU A 202 -0.15 3.06 16.64
CA GLU A 202 -0.44 4.18 17.50
C GLU A 202 0.75 5.12 17.47
N VAL A 203 0.46 6.39 17.22
CA VAL A 203 1.49 7.41 17.23
C VAL A 203 1.12 8.45 18.27
N ILE A 204 2.06 8.74 19.16
CA ILE A 204 1.86 9.76 20.18
C ILE A 204 2.65 10.99 19.79
N ILE A 205 1.95 12.11 19.62
CA ILE A 205 2.58 13.30 19.06
C ILE A 205 2.40 14.48 20.00
N THR A 206 3.40 15.35 20.09
CA THR A 206 3.30 16.52 20.96
C THR A 206 3.27 17.81 20.15
N PRO A 207 2.07 18.25 19.79
CA PRO A 207 1.85 19.51 19.06
C PRO A 207 2.58 20.69 19.70
N ASN A 208 3.24 21.50 18.87
CA ASN A 208 3.99 22.66 19.34
C ASN A 208 4.05 23.72 18.25
N SER A 209 3.32 24.81 18.46
CA SER A 209 3.22 25.83 17.42
C SER A 209 4.50 26.62 17.25
N ALA A 210 5.42 26.45 18.19
CA ALA A 210 6.64 27.20 18.20
C ALA A 210 7.86 26.31 18.04
N TRP A 211 7.64 25.12 17.47
CA TRP A 211 8.74 24.18 17.28
C TRP A 211 9.79 24.75 16.32
N GLY A 212 9.34 25.60 15.39
CA GLY A 212 10.25 26.30 14.49
C GLY A 212 10.13 25.90 13.04
N GLY A 213 8.90 25.64 12.62
CA GLY A 213 8.63 25.23 11.26
C GLY A 213 7.12 25.30 11.05
N GLU A 214 6.64 24.68 9.98
CA GLU A 214 5.24 24.84 9.61
C GLU A 214 4.31 24.24 10.66
N GLY A 215 3.21 24.94 10.94
CA GLY A 215 2.15 24.45 11.81
C GLY A 215 2.59 23.98 13.17
N SER A 216 1.82 23.05 13.73
CA SER A 216 2.12 22.49 15.04
C SER A 216 2.70 21.09 14.94
N LEU A 217 2.65 20.50 13.75
CA LEU A 217 3.20 19.16 13.54
C LEU A 217 4.47 19.18 12.69
N GLY A 218 4.56 20.12 11.77
CA GLY A 218 5.72 20.22 10.89
C GLY A 218 5.56 19.29 9.71
N CYS A 219 4.30 19.02 9.37
CA CYS A 219 4.02 18.18 8.21
C CYS A 219 2.89 18.74 7.37
N GLY A 220 2.81 18.32 6.12
CA GLY A 220 1.72 18.73 5.27
C GLY A 220 0.57 17.76 5.45
N ILE A 221 -0.64 18.17 5.07
CA ILE A 221 -1.80 17.32 5.21
C ILE A 221 -2.66 17.39 3.97
N GLY A 222 -3.05 16.25 3.43
CA GLY A 222 -3.97 16.23 2.30
C GLY A 222 -5.28 15.57 2.68
N TYR A 223 -6.38 16.10 2.14
CA TYR A 223 -7.69 15.53 2.38
C TYR A 223 -8.49 15.43 1.09
N GLY A 224 -9.16 14.31 0.88
CA GLY A 224 -10.06 14.14 -0.24
C GLY A 224 -9.76 12.98 -1.16
N TYR A 225 -10.37 12.99 -2.36
CA TYR A 225 -10.17 11.90 -3.32
C TYR A 225 -8.71 11.70 -3.73
N LEU A 226 -7.90 12.74 -3.60
CA LEU A 226 -6.49 12.65 -3.99
C LEU A 226 -5.68 12.09 -2.84
N HIS A 227 -6.33 11.90 -1.69
CA HIS A 227 -5.60 11.57 -0.50
C HIS A 227 -6.26 10.49 0.34
N ARG A 228 -6.80 9.47 -0.31
CA ARG A 228 -7.39 8.35 0.40
C ARG A 228 -6.49 7.18 0.47
N ILE A 229 -6.87 6.24 1.31
CA ILE A 229 -6.19 4.97 1.35
C ILE A 229 -6.51 4.20 0.08
N PRO A 230 -5.47 3.77 -0.64
CA PRO A 230 -5.56 3.13 -1.95
C PRO A 230 -6.42 1.88 -1.97
N THR A 231 -6.98 1.61 -3.15
CA THR A 231 -7.89 0.50 -3.37
C THR A 231 -7.47 -0.29 -4.60
N ARG A 232 -7.54 -1.62 -4.54
CA ARG A 232 -7.28 -2.42 -5.75
C ARG A 232 -8.39 -2.21 -6.80
N PRO A 233 -8.09 -2.45 -8.09
CA PRO A 233 -9.13 -2.22 -9.11
C PRO A 233 -10.31 -3.17 -9.00
N PHE A 234 -10.06 -4.43 -8.66
CA PHE A 234 -11.14 -5.40 -8.65
C PHE A 234 -11.28 -6.01 -7.27
N GLU A 235 -12.49 -6.47 -6.95
CA GLU A 235 -12.75 -7.10 -5.67
C GLU A 235 -12.08 -8.46 -5.57
N SER B 13 17.71 42.18 -5.16
CA SER B 13 17.30 41.12 -6.09
C SER B 13 17.77 39.74 -5.63
N THR B 14 17.42 39.36 -4.41
CA THR B 14 17.84 38.08 -3.87
C THR B 14 16.73 37.03 -3.99
N SER B 15 17.11 35.77 -3.79
CA SER B 15 16.21 34.64 -3.89
C SER B 15 15.11 34.69 -2.84
N LEU B 16 13.91 34.30 -3.23
CA LEU B 16 12.80 34.27 -2.31
C LEU B 16 12.70 32.86 -1.76
N TYR B 17 13.72 32.06 -2.00
CA TYR B 17 13.69 30.69 -1.51
C TYR B 17 14.90 30.40 -0.66
N LYS B 18 14.75 29.44 0.24
CA LYS B 18 15.84 29.00 1.07
C LYS B 18 15.77 27.48 1.20
N LYS B 19 16.64 26.93 2.02
CA LYS B 19 16.72 25.49 2.16
C LYS B 19 16.15 25.06 3.50
N ALA B 20 15.47 23.92 3.48
CA ALA B 20 14.92 23.32 4.69
C ALA B 20 15.09 21.81 4.60
N GLY B 21 15.18 21.15 5.75
CA GLY B 21 15.36 19.71 5.79
C GLY B 21 14.05 18.96 5.84
N PHE B 22 13.93 17.91 5.05
CA PHE B 22 12.72 17.06 5.07
C PHE B 22 13.10 15.58 5.10
N LEU B 23 12.20 14.75 5.63
CA LEU B 23 12.42 13.30 5.60
C LEU B 23 12.14 12.75 4.20
N VAL B 24 13.02 11.90 3.73
CA VAL B 24 12.82 11.23 2.45
C VAL B 24 13.15 9.78 2.68
N PRO B 25 12.67 8.89 1.79
CA PRO B 25 13.00 7.47 1.96
C PRO B 25 14.48 7.21 1.81
N ARG B 26 15.00 6.26 2.57
CA ARG B 26 16.42 5.96 2.57
C ARG B 26 16.82 5.50 1.19
N GLY B 27 15.94 4.81 0.49
CA GLY B 27 16.30 4.35 -0.83
C GLY B 27 16.10 5.44 -1.85
N SER B 28 16.77 6.57 -1.63
CA SER B 28 16.76 7.69 -2.57
C SER B 28 18.17 8.25 -2.64
N GLY B 29 18.35 9.28 -3.46
CA GLY B 29 19.64 9.93 -3.63
C GLY B 29 20.81 9.02 -3.89
N SER B 30 21.96 9.35 -3.33
CA SER B 30 23.17 8.58 -3.56
C SER B 30 23.38 7.56 -2.44
N SER B 31 23.50 6.29 -2.84
CA SER B 31 23.61 5.19 -1.90
C SER B 31 25.08 4.91 -1.53
N GLN B 32 25.37 4.94 -0.24
CA GLN B 32 26.68 4.53 0.25
C GLN B 32 26.44 3.57 1.41
N SER B 33 26.63 2.28 1.15
CA SER B 33 27.10 1.83 -0.16
C SER B 33 26.31 0.63 -0.69
N VAL B 34 26.96 -0.24 -1.46
CA VAL B 34 26.26 -1.30 -2.16
C VAL B 34 26.56 -2.70 -1.62
N GLU B 35 27.82 -3.01 -1.35
CA GLU B 35 28.20 -4.28 -0.71
C GLU B 35 27.80 -5.56 -1.48
N ILE B 36 27.74 -5.51 -2.81
CA ILE B 36 27.26 -6.67 -3.59
C ILE B 36 28.33 -7.70 -3.95
N PRO B 37 28.22 -8.92 -3.42
CA PRO B 37 29.05 -10.05 -3.86
C PRO B 37 28.95 -10.21 -5.37
N GLY B 38 30.06 -10.42 -6.06
CA GLY B 38 30.06 -10.49 -7.51
C GLY B 38 30.34 -9.12 -8.11
N GLY B 39 30.04 -8.09 -7.34
CA GLY B 39 30.40 -6.72 -7.70
C GLY B 39 29.57 -6.04 -8.77
N GLY B 40 28.70 -6.80 -9.43
CA GLY B 40 27.86 -6.24 -10.47
C GLY B 40 26.89 -5.19 -9.96
N THR B 41 25.98 -4.77 -10.84
CA THR B 41 24.97 -3.82 -10.42
C THR B 41 23.62 -4.20 -10.99
N GLU B 42 23.59 -5.18 -11.89
CA GLU B 42 22.36 -5.66 -12.48
C GLU B 42 21.92 -6.98 -11.83
N GLY B 43 20.64 -7.32 -12.00
CA GLY B 43 20.08 -8.47 -11.34
C GLY B 43 18.65 -8.69 -11.81
N TYR B 44 17.90 -9.50 -11.09
CA TYR B 44 16.55 -9.80 -11.53
C TYR B 44 15.53 -9.10 -10.66
N HIS B 45 14.88 -8.11 -11.25
CA HIS B 45 13.87 -7.30 -10.61
C HIS B 45 12.62 -8.14 -10.36
N VAL B 46 12.25 -8.32 -9.10
CA VAL B 46 11.05 -9.06 -8.77
C VAL B 46 9.79 -8.22 -9.02
N LEU B 47 9.00 -8.60 -10.02
CA LEU B 47 7.76 -7.89 -10.27
C LEU B 47 6.57 -8.60 -9.59
N ARG B 48 5.70 -9.25 -10.37
CA ARG B 48 4.53 -9.90 -9.78
C ARG B 48 4.91 -11.11 -8.95
N VAL B 49 4.30 -11.23 -7.77
CA VAL B 49 4.42 -12.43 -6.94
C VAL B 49 3.04 -13.01 -6.69
N GLN B 50 2.79 -14.21 -7.18
CA GLN B 50 1.46 -14.83 -7.10
C GLN B 50 1.13 -15.36 -5.71
N GLU B 51 -0.16 -15.50 -5.46
CA GLU B 51 -0.68 -16.04 -4.22
C GLU B 51 -0.30 -17.50 -4.04
N ASN B 52 0.10 -17.84 -2.81
CA ASN B 52 0.43 -19.21 -2.46
C ASN B 52 1.56 -19.76 -3.31
N SER B 53 2.56 -18.92 -3.56
CA SER B 53 3.64 -19.28 -4.44
C SER B 53 4.92 -19.50 -3.63
N PRO B 54 5.86 -20.26 -4.19
CA PRO B 54 7.18 -20.38 -3.57
C PRO B 54 7.81 -19.02 -3.34
N GLY B 55 7.74 -18.15 -4.35
CA GLY B 55 8.23 -16.79 -4.19
C GLY B 55 7.56 -16.10 -3.02
N HIS B 56 6.24 -16.28 -2.88
CA HIS B 56 5.54 -15.69 -1.75
C HIS B 56 6.02 -16.29 -0.43
N ARG B 57 6.11 -17.61 -0.39
CA ARG B 57 6.53 -18.32 0.81
C ARG B 57 7.93 -17.87 1.22
N ALA B 58 8.75 -17.49 0.23
CA ALA B 58 10.12 -17.07 0.49
C ALA B 58 10.16 -15.60 0.87
N GLY B 59 9.05 -14.91 0.70
CA GLY B 59 8.95 -13.51 1.08
C GLY B 59 9.55 -12.55 0.08
N LEU B 60 9.51 -12.91 -1.20
CA LEU B 60 9.99 -12.00 -2.24
C LEU B 60 9.01 -10.81 -2.32
N GLU B 61 9.54 -9.60 -2.22
CA GLU B 61 8.73 -8.38 -2.32
C GLU B 61 8.71 -7.83 -3.73
N PRO B 62 7.51 -7.72 -4.30
CA PRO B 62 7.34 -7.09 -5.61
C PRO B 62 7.94 -5.69 -5.64
N PHE B 63 8.53 -5.32 -6.78
CA PHE B 63 9.21 -4.05 -7.01
C PHE B 63 10.46 -3.76 -6.19
N PHE B 64 10.47 -4.06 -4.91
CA PHE B 64 11.59 -3.68 -4.04
C PHE B 64 12.74 -4.68 -4.05
N ASP B 65 12.44 -5.94 -4.34
CA ASP B 65 13.46 -6.98 -4.30
C ASP B 65 14.14 -7.24 -5.64
N PHE B 66 15.42 -7.54 -5.59
CA PHE B 66 16.18 -7.99 -6.74
C PHE B 66 16.88 -9.30 -6.42
N ILE B 67 16.69 -10.31 -7.27
CA ILE B 67 17.44 -11.55 -7.13
C ILE B 67 18.80 -11.29 -7.75
N VAL B 68 19.85 -11.43 -6.97
CA VAL B 68 21.18 -11.10 -7.48
C VAL B 68 22.04 -12.37 -7.57
N SER B 69 21.72 -13.35 -6.74
CA SER B 69 22.51 -14.56 -6.72
C SER B 69 21.66 -15.80 -6.37
N ILE B 70 22.02 -16.93 -6.95
CA ILE B 70 21.41 -18.20 -6.62
C ILE B 70 22.47 -19.28 -6.38
N ASN B 71 22.40 -19.91 -5.22
CA ASN B 71 23.38 -20.90 -4.76
C ASN B 71 24.80 -20.42 -4.94
N GLY B 72 25.03 -19.13 -4.72
CA GLY B 72 26.36 -18.58 -4.77
C GLY B 72 26.72 -18.14 -6.17
N SER B 73 25.84 -18.42 -7.11
CA SER B 73 26.12 -18.07 -8.49
C SER B 73 25.54 -16.71 -8.79
N ARG B 74 26.41 -15.74 -9.05
CA ARG B 74 26.00 -14.37 -9.31
C ARG B 74 25.31 -14.25 -10.66
N LEU B 75 24.25 -13.45 -10.71
CA LEU B 75 23.45 -13.28 -11.91
C LEU B 75 23.70 -11.89 -12.55
N ASN B 76 24.87 -11.74 -13.16
CA ASN B 76 25.26 -10.52 -13.88
C ASN B 76 24.70 -10.41 -15.30
N LYS B 77 24.38 -11.55 -15.89
CA LYS B 77 24.01 -11.57 -17.29
C LYS B 77 22.59 -12.04 -17.53
N ASP B 78 21.97 -11.48 -18.56
CA ASP B 78 20.60 -11.77 -18.93
C ASP B 78 20.57 -13.05 -19.79
N ASN B 79 20.82 -14.19 -19.15
CA ASN B 79 20.74 -15.47 -19.85
C ASN B 79 19.81 -16.50 -19.19
N ASP B 80 20.10 -17.79 -19.40
CA ASP B 80 19.21 -18.84 -18.92
C ASP B 80 19.72 -19.51 -17.65
N THR B 81 20.75 -18.93 -17.04
CA THR B 81 21.34 -19.51 -15.86
C THR B 81 20.33 -19.68 -14.72
N LEU B 82 19.60 -18.60 -14.39
CA LEU B 82 18.61 -18.65 -13.31
C LEU B 82 17.51 -19.65 -13.60
N LYS B 83 17.02 -19.63 -14.83
CA LYS B 83 15.94 -20.54 -15.21
C LYS B 83 16.41 -22.00 -15.25
N ASP B 84 17.71 -22.23 -15.49
CA ASP B 84 18.19 -23.61 -15.53
C ASP B 84 18.41 -24.15 -14.13
N LEU B 85 18.95 -23.32 -13.25
CA LEU B 85 19.16 -23.75 -11.87
C LEU B 85 17.85 -24.06 -11.17
N LEU B 86 16.79 -23.33 -11.54
CA LEU B 86 15.47 -23.58 -10.96
C LEU B 86 14.95 -24.87 -11.52
N LYS B 87 15.11 -25.02 -12.82
CA LYS B 87 14.66 -26.21 -13.52
C LYS B 87 15.46 -27.44 -13.07
N ALA B 88 16.69 -27.23 -12.61
CA ALA B 88 17.52 -28.34 -12.15
C ALA B 88 17.20 -28.68 -10.69
N ASN B 89 16.57 -27.76 -9.98
CA ASN B 89 16.21 -27.99 -8.59
C ASN B 89 14.70 -27.99 -8.33
N VAL B 90 13.91 -28.60 -9.23
CA VAL B 90 12.45 -28.41 -9.29
C VAL B 90 11.61 -28.63 -8.04
N GLU B 91 12.14 -29.31 -7.03
CA GLU B 91 11.37 -29.44 -5.77
C GLU B 91 12.30 -29.36 -4.56
N LYS B 92 13.48 -28.78 -4.77
CA LYS B 92 14.52 -28.70 -3.74
C LYS B 92 14.70 -27.27 -3.27
N PRO B 93 15.07 -27.07 -2.00
CA PRO B 93 15.32 -25.69 -1.56
C PRO B 93 16.52 -25.09 -2.27
N VAL B 94 16.37 -23.85 -2.73
CA VAL B 94 17.41 -23.12 -3.40
C VAL B 94 17.73 -21.91 -2.55
N LYS B 95 18.99 -21.47 -2.53
CA LYS B 95 19.32 -20.28 -1.76
C LYS B 95 19.41 -19.09 -2.69
N MET B 96 18.78 -17.99 -2.32
CA MET B 96 18.87 -16.78 -3.13
C MET B 96 19.44 -15.63 -2.31
N LEU B 97 20.32 -14.86 -2.92
CA LEU B 97 20.74 -13.62 -2.31
C LEU B 97 19.83 -12.52 -2.84
N ILE B 98 19.19 -11.78 -1.94
CA ILE B 98 18.22 -10.77 -2.34
C ILE B 98 18.70 -9.38 -1.99
N TYR B 99 18.64 -8.46 -2.95
CA TYR B 99 18.90 -7.05 -2.68
C TYR B 99 17.59 -6.28 -2.61
N SER B 100 17.43 -5.45 -1.58
CA SER B 100 16.23 -4.64 -1.40
C SER B 100 16.49 -3.16 -1.71
N SER B 101 15.75 -2.60 -2.67
CA SER B 101 15.92 -1.20 -3.01
C SER B 101 15.32 -0.32 -1.90
N LYS B 102 14.59 -0.94 -0.99
CA LYS B 102 13.98 -0.26 0.14
C LYS B 102 14.95 -0.12 1.30
N THR B 103 15.57 -1.23 1.70
CA THR B 103 16.46 -1.24 2.86
C THR B 103 17.90 -1.05 2.47
N LEU B 104 18.17 -1.18 1.18
CA LEU B 104 19.52 -1.08 0.63
C LEU B 104 20.38 -2.18 1.23
N GLU B 105 19.75 -3.30 1.61
CA GLU B 105 20.51 -4.38 2.25
C GLU B 105 20.36 -5.72 1.52
N LEU B 106 21.26 -6.65 1.84
CA LEU B 106 21.24 -7.98 1.25
C LEU B 106 20.72 -8.94 2.27
N ARG B 107 19.93 -9.92 1.83
CA ARG B 107 19.45 -10.97 2.72
C ARG B 107 19.42 -12.32 2.00
N GLU B 108 19.58 -13.38 2.77
CA GLU B 108 19.48 -14.73 2.25
C GLU B 108 18.06 -15.25 2.41
N ALA B 109 17.46 -15.71 1.32
CA ALA B 109 16.14 -16.32 1.36
C ALA B 109 16.17 -17.75 0.82
N SER B 110 15.47 -18.65 1.48
CA SER B 110 15.32 -20.00 0.94
C SER B 110 14.08 -20.03 0.05
N VAL B 111 14.19 -20.68 -1.10
CA VAL B 111 13.03 -20.80 -1.98
C VAL B 111 13.01 -22.18 -2.64
N THR B 112 11.82 -22.76 -2.73
CA THR B 112 11.70 -24.09 -3.28
C THR B 112 10.85 -24.07 -4.53
N PRO B 113 11.49 -24.11 -5.71
CA PRO B 113 10.75 -24.13 -6.97
C PRO B 113 9.87 -25.36 -6.99
N SER B 114 8.71 -25.28 -7.64
CA SER B 114 7.82 -26.43 -7.67
C SER B 114 6.83 -26.34 -8.82
N ASN B 115 6.36 -27.51 -9.24
CA ASN B 115 5.28 -27.61 -10.21
C ASN B 115 3.95 -27.85 -9.49
N LEU B 116 4.00 -27.97 -8.17
CA LEU B 116 2.88 -28.49 -7.38
C LEU B 116 2.04 -27.44 -6.65
N TRP B 117 2.42 -26.18 -6.76
CA TRP B 117 1.70 -25.11 -6.07
C TRP B 117 0.51 -24.59 -6.88
N GLY B 118 0.35 -25.11 -8.09
CA GLY B 118 -0.85 -24.86 -8.88
C GLY B 118 -0.87 -23.62 -9.77
N GLY B 119 0.13 -22.77 -9.66
CA GLY B 119 0.21 -21.61 -10.53
C GLY B 119 1.12 -21.74 -11.75
N GLN B 120 1.40 -20.61 -12.39
CA GLN B 120 2.18 -20.61 -13.62
C GLN B 120 3.64 -20.39 -13.29
N GLY B 121 4.49 -21.28 -13.79
CA GLY B 121 5.92 -21.19 -13.55
C GLY B 121 6.38 -21.96 -12.31
N LEU B 122 7.67 -21.86 -12.01
CA LEU B 122 8.26 -22.63 -10.91
C LEU B 122 8.46 -21.81 -9.62
N LEU B 123 8.47 -20.49 -9.76
CA LEU B 123 8.62 -19.57 -8.63
C LEU B 123 7.30 -18.86 -8.32
N GLY B 124 6.47 -18.73 -9.35
CA GLY B 124 5.29 -17.90 -9.28
C GLY B 124 5.68 -16.44 -9.23
N VAL B 125 6.83 -16.13 -9.82
CA VAL B 125 7.37 -14.79 -9.75
C VAL B 125 7.74 -14.30 -11.13
N SER B 126 7.12 -13.20 -11.53
CA SER B 126 7.49 -12.52 -12.76
C SER B 126 8.70 -11.62 -12.53
N ILE B 127 9.73 -11.79 -13.35
CA ILE B 127 10.98 -11.07 -13.17
C ILE B 127 11.42 -10.37 -14.46
N ARG B 128 12.34 -9.42 -14.32
CA ARG B 128 12.94 -8.77 -15.46
C ARG B 128 14.37 -8.43 -15.07
N PHE B 129 15.29 -8.64 -15.99
CA PHE B 129 16.69 -8.36 -15.73
C PHE B 129 16.98 -6.88 -15.97
N CYS B 130 17.51 -6.21 -14.96
CA CYS B 130 17.81 -4.77 -15.06
C CYS B 130 18.70 -4.33 -13.92
N SER B 131 18.97 -3.03 -13.84
CA SER B 131 19.84 -2.51 -12.79
C SER B 131 19.02 -2.07 -11.61
N PHE B 132 19.56 -2.22 -10.40
CA PHE B 132 18.79 -1.87 -9.21
C PHE B 132 19.16 -0.50 -8.63
N ASP B 133 19.95 0.28 -9.35
CA ASP B 133 20.33 1.57 -8.82
C ASP B 133 19.41 2.66 -9.38
N GLY B 134 19.00 3.55 -8.49
CA GLY B 134 17.91 4.48 -8.79
C GLY B 134 16.68 3.80 -9.36
N ALA B 135 16.37 2.61 -8.87
CA ALA B 135 15.21 1.87 -9.38
C ALA B 135 13.97 2.31 -8.64
N ASN B 136 14.17 2.89 -7.46
CA ASN B 136 13.07 3.45 -6.69
C ASN B 136 12.59 4.78 -7.26
N GLU B 137 13.41 5.38 -8.11
CA GLU B 137 13.07 6.65 -8.77
C GLU B 137 12.17 6.48 -9.99
N ASN B 138 12.44 5.46 -10.81
CA ASN B 138 11.71 5.31 -12.07
C ASN B 138 10.31 4.77 -11.87
N VAL B 139 9.48 5.63 -11.30
CA VAL B 139 8.11 5.33 -10.95
C VAL B 139 7.23 6.48 -11.38
N TRP B 140 6.15 6.17 -12.07
CA TRP B 140 5.21 7.21 -12.46
C TRP B 140 3.86 6.97 -11.80
N HIS B 141 3.47 7.91 -10.97
CA HIS B 141 2.26 7.75 -10.20
C HIS B 141 1.04 8.11 -11.03
N VAL B 142 0.13 7.16 -11.20
CA VAL B 142 -1.14 7.46 -11.87
C VAL B 142 -2.00 8.34 -10.96
N LEU B 143 -2.35 9.53 -11.42
CA LEU B 143 -3.17 10.41 -10.62
C LEU B 143 -4.63 10.23 -11.02
N GLU B 144 -5.30 11.29 -11.46
CA GLU B 144 -6.70 11.20 -11.84
C GLU B 144 -6.84 10.42 -13.12
N VAL B 145 -7.98 9.77 -13.31
CA VAL B 145 -8.28 9.00 -14.51
C VAL B 145 -9.64 9.39 -15.03
N GLU B 146 -9.69 9.87 -16.26
CA GLU B 146 -10.96 10.27 -16.86
C GLU B 146 -11.81 9.07 -17.22
N SER B 147 -13.12 9.25 -17.24
CA SER B 147 -14.03 8.21 -17.71
C SER B 147 -13.75 7.91 -19.18
N ASN B 148 -13.78 6.63 -19.55
CA ASN B 148 -13.64 6.21 -20.95
C ASN B 148 -12.32 6.61 -21.61
N SER B 149 -11.35 6.98 -20.78
CA SER B 149 -10.02 7.28 -21.27
C SER B 149 -9.33 5.98 -21.65
N PRO B 150 -8.29 6.07 -22.48
CA PRO B 150 -7.46 4.88 -22.68
C PRO B 150 -7.00 4.27 -21.35
N ALA B 151 -6.53 5.10 -20.42
CA ALA B 151 -6.11 4.61 -19.12
C ALA B 151 -7.23 3.85 -18.42
N ALA B 152 -8.45 4.38 -18.47
CA ALA B 152 -9.55 3.70 -17.79
C ALA B 152 -9.79 2.32 -18.40
N LEU B 153 -9.88 2.28 -19.71
CA LEU B 153 -10.22 1.05 -20.43
C LEU B 153 -9.18 -0.06 -20.27
N ALA B 154 -7.92 0.34 -20.14
CA ALA B 154 -6.82 -0.61 -19.96
C ALA B 154 -6.77 -1.19 -18.56
N GLY B 155 -7.41 -0.51 -17.61
CA GLY B 155 -7.44 -0.96 -16.23
C GLY B 155 -6.63 -0.14 -15.24
N LEU B 156 -6.00 0.93 -15.71
CA LEU B 156 -5.32 1.86 -14.81
C LEU B 156 -6.35 2.51 -13.89
N ARG B 157 -5.98 2.69 -12.64
CA ARG B 157 -6.90 3.21 -11.65
C ARG B 157 -6.28 4.39 -10.91
N PRO B 158 -7.08 5.40 -10.57
CA PRO B 158 -6.54 6.62 -9.95
C PRO B 158 -5.88 6.43 -8.59
N HIS B 159 -4.67 6.96 -8.46
CA HIS B 159 -3.96 7.14 -7.17
C HIS B 159 -3.41 5.86 -6.57
N SER B 160 -4.03 4.73 -6.87
CA SER B 160 -3.58 3.44 -6.36
C SER B 160 -2.49 2.81 -7.23
N ASP B 161 -2.44 3.22 -8.50
CA ASP B 161 -1.52 2.61 -9.45
C ASP B 161 -0.26 3.42 -9.69
N TYR B 162 0.85 2.71 -9.81
CA TYR B 162 2.13 3.34 -10.14
C TYR B 162 2.74 2.58 -11.31
N ILE B 163 3.03 3.30 -12.39
CA ILE B 163 3.67 2.69 -13.55
C ILE B 163 5.17 2.56 -13.30
N ILE B 164 5.68 1.33 -13.36
CA ILE B 164 7.07 1.07 -13.02
C ILE B 164 7.89 0.55 -14.18
N GLY B 165 7.27 0.39 -15.36
CA GLY B 165 8.00 -0.03 -16.54
C GLY B 165 7.11 -0.53 -17.67
N ALA B 166 7.73 -0.91 -18.79
CA ALA B 166 6.95 -1.44 -19.90
C ALA B 166 7.63 -2.59 -20.62
N ASP B 167 6.82 -3.47 -21.22
CA ASP B 167 7.30 -4.44 -22.19
C ASP B 167 7.69 -3.65 -23.41
N THR B 168 8.98 -3.59 -23.73
CA THR B 168 9.39 -2.65 -24.74
C THR B 168 9.49 -3.26 -26.13
N VAL B 169 8.33 -3.29 -26.79
CA VAL B 169 8.23 -3.49 -28.23
C VAL B 169 8.87 -2.22 -28.77
N MET B 170 9.68 -2.33 -29.82
CA MET B 170 10.52 -1.21 -30.27
C MET B 170 11.53 -0.89 -29.18
N ASN B 171 12.44 0.04 -29.43
CA ASN B 171 13.25 0.55 -28.33
C ASN B 171 13.57 2.05 -28.43
N GLU B 172 13.63 2.70 -27.26
CA GLU B 172 14.00 4.11 -27.13
C GLU B 172 14.74 4.31 -25.82
N SER B 173 14.05 4.84 -24.81
CA SER B 173 14.59 4.85 -23.45
C SER B 173 13.56 4.48 -22.38
N GLU B 174 13.63 5.12 -21.21
CA GLU B 174 12.85 4.58 -20.08
C GLU B 174 11.81 5.49 -19.46
N ASP B 175 11.94 6.80 -19.62
CA ASP B 175 10.99 7.74 -19.01
C ASP B 175 9.64 7.56 -19.72
N LEU B 176 8.53 7.80 -19.02
CA LEU B 176 7.22 7.28 -19.46
C LEU B 176 6.57 7.98 -20.64
N PHE B 177 6.45 9.31 -20.56
CA PHE B 177 5.82 10.07 -21.63
C PHE B 177 6.46 9.77 -22.98
N SER B 178 7.75 9.42 -22.98
CA SER B 178 8.47 9.07 -24.20
C SER B 178 8.19 7.66 -24.75
N LEU B 179 6.94 7.21 -24.62
CA LEU B 179 6.50 5.95 -25.23
C LEU B 179 5.12 6.06 -25.84
N ILE B 180 4.25 6.88 -25.24
CA ILE B 180 2.82 6.81 -25.54
C ILE B 180 2.41 7.48 -26.87
N GLU B 181 3.27 8.32 -27.42
CA GLU B 181 3.00 8.87 -28.76
C GLU B 181 3.52 7.90 -29.81
N THR B 182 4.57 7.17 -29.46
CA THR B 182 5.21 6.24 -30.39
C THR B 182 4.39 4.96 -30.49
N HIS B 183 3.47 4.75 -29.56
CA HIS B 183 2.54 3.62 -29.64
C HIS B 183 1.14 4.13 -29.89
N GLU B 184 1.05 5.13 -30.78
CA GLU B 184 -0.20 5.84 -31.05
C GLU B 184 -1.29 4.97 -31.65
N ALA B 185 -0.87 3.82 -32.17
CA ALA B 185 -1.79 2.92 -32.84
C ALA B 185 -1.61 1.53 -32.27
N LYS B 186 -0.43 1.27 -31.72
CA LYS B 186 -0.15 -0.07 -31.23
C LYS B 186 -0.30 -0.16 -29.74
N PRO B 187 -0.81 -1.32 -29.26
CA PRO B 187 -1.06 -1.50 -27.85
C PRO B 187 0.27 -1.39 -27.09
N LEU B 188 0.23 -0.94 -25.86
CA LEU B 188 1.44 -0.82 -25.07
C LEU B 188 1.27 -1.59 -23.79
N LYS B 189 2.31 -2.31 -23.41
CA LYS B 189 2.28 -3.10 -22.20
C LYS B 189 2.98 -2.30 -21.12
N LEU B 190 2.34 -2.22 -19.96
CA LEU B 190 2.86 -1.43 -18.86
C LEU B 190 3.01 -2.31 -17.65
N TYR B 191 4.03 -2.05 -16.85
CA TYR B 191 4.17 -2.69 -15.54
C TYR B 191 3.59 -1.79 -14.49
N VAL B 192 2.53 -2.26 -13.83
CA VAL B 192 1.77 -1.40 -12.95
C VAL B 192 1.72 -2.00 -11.56
N TYR B 193 2.32 -1.30 -10.61
CA TYR B 193 2.29 -1.67 -9.20
C TYR B 193 1.07 -1.07 -8.54
N ASN B 194 0.42 -1.81 -7.66
CA ASN B 194 -0.74 -1.27 -6.96
C ASN B 194 -0.50 -1.27 -5.44
N THR B 195 -0.77 -0.14 -4.77
CA THR B 195 -0.43 -0.02 -3.35
C THR B 195 -1.45 -0.65 -2.41
N ASP B 196 -2.51 -1.24 -2.97
CA ASP B 196 -3.41 -2.03 -2.18
C ASP B 196 -2.98 -3.50 -2.26
N THR B 197 -2.79 -4.03 -3.46
CA THR B 197 -2.31 -5.41 -3.61
C THR B 197 -0.83 -5.57 -3.28
N ASP B 198 -0.08 -4.45 -3.29
CA ASP B 198 1.38 -4.49 -3.15
C ASP B 198 1.97 -5.45 -4.17
N ASN B 199 1.56 -5.31 -5.41
CA ASN B 199 1.92 -6.28 -6.44
C ASN B 199 1.85 -5.65 -7.82
N CYS B 200 2.61 -6.19 -8.76
CA CYS B 200 2.60 -5.67 -10.13
C CYS B 200 1.61 -6.46 -10.97
N ARG B 201 1.18 -5.89 -12.08
CA ARG B 201 0.27 -6.59 -12.97
C ARG B 201 0.46 -6.03 -14.38
N GLU B 202 -0.04 -6.76 -15.36
CA GLU B 202 0.15 -6.33 -16.73
C GLU B 202 -1.05 -5.54 -17.18
N VAL B 203 -0.77 -4.36 -17.72
CA VAL B 203 -1.80 -3.50 -18.25
C VAL B 203 -1.48 -3.25 -19.71
N ILE B 204 -2.43 -3.52 -20.57
CA ILE B 204 -2.25 -3.24 -21.99
C ILE B 204 -3.07 -2.03 -22.41
N ILE B 205 -2.38 -1.00 -22.90
CA ILE B 205 -3.03 0.29 -23.14
C ILE B 205 -2.88 0.76 -24.59
N THR B 206 -3.92 1.41 -25.13
CA THR B 206 -3.90 1.90 -26.52
C THR B 206 -3.94 3.44 -26.56
N PRO B 207 -2.75 4.06 -26.48
CA PRO B 207 -2.52 5.50 -26.49
C PRO B 207 -3.21 6.19 -27.66
N ASN B 208 -3.82 7.34 -27.39
CA ASN B 208 -4.53 8.08 -28.42
C ASN B 208 -4.63 9.56 -28.05
N SER B 209 -3.91 10.40 -28.77
CA SER B 209 -3.88 11.83 -28.45
C SER B 209 -5.19 12.50 -28.81
N ALA B 210 -6.03 11.77 -29.52
CA ALA B 210 -7.31 12.30 -29.98
C ALA B 210 -8.47 11.54 -29.41
N TRP B 211 -8.26 10.86 -28.28
CA TRP B 211 -9.33 10.10 -27.63
C TRP B 211 -10.47 11.01 -27.19
N GLY B 212 -10.13 12.26 -26.88
CA GLY B 212 -11.13 13.25 -26.51
C GLY B 212 -11.00 13.69 -25.06
N GLY B 213 -9.75 13.81 -24.61
CA GLY B 213 -9.48 14.22 -23.25
C GLY B 213 -8.01 14.55 -23.10
N GLU B 214 -7.54 14.66 -21.86
CA GLU B 214 -6.18 15.11 -21.60
C GLU B 214 -5.17 14.09 -22.11
N GLY B 215 -4.07 14.58 -22.68
CA GLY B 215 -2.97 13.73 -23.09
C GLY B 215 -3.33 12.58 -24.03
N SER B 216 -2.54 11.51 -23.97
CA SER B 216 -2.77 10.35 -24.79
C SER B 216 -3.33 9.18 -23.99
N LEU B 217 -3.31 9.32 -22.67
CA LEU B 217 -3.80 8.25 -21.81
C LEU B 217 -5.10 8.68 -21.15
N GLY B 218 -5.24 9.98 -20.91
CA GLY B 218 -6.44 10.50 -20.25
C GLY B 218 -6.31 10.38 -18.75
N CYS B 219 -5.07 10.38 -18.27
CA CYS B 219 -4.81 10.33 -16.85
C CYS B 219 -3.74 11.34 -16.45
N GLY B 220 -3.65 11.64 -15.17
CA GLY B 220 -2.58 12.47 -14.66
C GLY B 220 -1.38 11.62 -14.28
N ILE B 221 -0.22 12.26 -14.21
CA ILE B 221 1.01 11.55 -13.88
C ILE B 221 1.83 12.36 -12.90
N GLY B 222 2.25 11.73 -11.82
CA GLY B 222 3.10 12.39 -10.85
C GLY B 222 4.45 11.70 -10.84
N TYR B 223 5.52 12.48 -10.68
CA TYR B 223 6.86 11.96 -10.57
C TYR B 223 7.62 12.64 -9.44
N GLY B 224 8.36 11.87 -8.67
CA GLY B 224 9.22 12.44 -7.66
C GLY B 224 8.98 11.94 -6.25
N TYR B 225 9.55 12.64 -5.28
CA TYR B 225 9.42 12.24 -3.88
C TYR B 225 7.98 12.19 -3.38
N LEU B 226 7.08 12.92 -4.04
CA LEU B 226 5.67 12.94 -3.66
C LEU B 226 4.91 11.81 -4.36
N HIS B 227 5.61 11.07 -5.22
CA HIS B 227 4.91 10.14 -6.06
C HIS B 227 5.65 8.81 -6.19
N ARG B 228 6.21 8.39 -5.07
CA ARG B 228 6.92 7.12 -4.96
C ARG B 228 6.08 6.03 -4.33
N ILE B 229 6.49 4.80 -4.53
CA ILE B 229 5.86 3.70 -3.84
C ILE B 229 6.24 3.79 -2.37
N PRO B 230 5.24 3.79 -1.49
CA PRO B 230 5.37 3.98 -0.05
C PRO B 230 6.24 2.98 0.65
N THR B 231 6.86 3.41 1.74
CA THR B 231 7.73 2.53 2.51
C THR B 231 7.37 2.65 3.99
N ARG B 232 7.45 1.54 4.72
CA ARG B 232 7.22 1.54 6.17
C ARG B 232 8.29 2.39 6.90
N PRO B 233 7.98 2.86 8.12
CA PRO B 233 8.97 3.69 8.83
C PRO B 233 10.24 2.95 9.20
N PHE B 234 10.09 1.72 9.64
CA PHE B 234 11.25 0.98 10.14
C PHE B 234 11.47 -0.34 9.42
N GLU B 235 12.75 -0.75 9.39
CA GLU B 235 13.15 -2.01 8.77
C GLU B 235 12.66 -3.21 9.58
#